data_8IRQ
#
_entry.id   8IRQ
#
_cell.length_a   40.378
_cell.length_b   38.813
_cell.length_c   51.091
_cell.angle_alpha   90.00
_cell.angle_beta   112.82
_cell.angle_gamma   90.00
#
_symmetry.space_group_name_H-M   'P 1 21 1'
#
loop_
_entity.id
_entity.type
_entity.pdbx_description
1 polymer 'Interferon d'
2 water water
#
_entity_poly.entity_id   1
_entity_poly.type   'polypeptide(L)'
_entity_poly.pdbx_seq_one_letter_code
;LSCRWVDHKFRQHSETSLDLLNTMANNSTNSTEDAQVEDTVAFPNDLYSQASKASAEDKLHFTVQVLEEAAALFEEDHSN
ASWEENTVENFVNVVNQQADGLRSCTGSHGHKKKNKKLHMYFKRLSSHVLKKMSHSAEAWELIRKEIRTHLMRADQLVSS
LRNTN
;
_entity_poly.pdbx_strand_id   A
#
# COMPACT_ATOMS: atom_id res chain seq x y z
N SER A 2 -16.32 7.47 -13.68
CA SER A 2 -15.37 6.67 -14.51
C SER A 2 -14.11 7.50 -14.78
N CYS A 3 -12.95 6.87 -14.61
CA CYS A 3 -11.63 7.49 -14.40
C CYS A 3 -10.62 6.86 -15.38
N ARG A 4 -9.89 7.66 -16.21
CA ARG A 4 -8.84 7.14 -17.12
C ARG A 4 -7.99 6.17 -16.31
N TRP A 5 -7.49 6.66 -15.16
CA TRP A 5 -6.50 5.86 -14.38
C TRP A 5 -7.05 4.46 -13.99
N VAL A 6 -8.22 4.37 -13.35
CA VAL A 6 -8.88 3.08 -13.00
C VAL A 6 -8.98 2.21 -14.24
N ASP A 7 -9.41 2.76 -15.39
CA ASP A 7 -9.77 1.90 -16.53
C ASP A 7 -8.50 1.51 -17.32
N HIS A 8 -7.46 2.35 -17.42
CA HIS A 8 -6.34 2.12 -18.37
C HIS A 8 -4.98 1.90 -17.71
N LYS A 9 -4.83 2.21 -16.42
CA LYS A 9 -3.46 2.34 -15.84
C LYS A 9 -3.29 1.57 -14.54
N PHE A 10 -4.32 1.45 -13.71
CA PHE A 10 -4.20 0.89 -12.36
C PHE A 10 -3.74 -0.58 -12.43
N ARG A 11 -4.33 -1.41 -13.29
CA ARG A 11 -3.99 -2.87 -13.33
C ARG A 11 -2.52 -3.01 -13.68
N GLN A 12 -2.00 -2.20 -14.59
CA GLN A 12 -0.60 -2.38 -15.07
C GLN A 12 0.35 -1.96 -13.94
N HIS A 13 0.02 -0.87 -13.25
CA HIS A 13 0.78 -0.45 -12.04
C HIS A 13 0.69 -1.51 -10.94
N SER A 14 -0.46 -2.15 -10.72
N SER A 14 -0.46 -2.14 -10.81
CA SER A 14 -0.57 -3.19 -9.66
CA SER A 14 -0.70 -3.16 -9.76
C SER A 14 0.38 -4.34 -10.01
C SER A 14 0.24 -4.36 -10.01
N GLU A 15 0.27 -4.84 -11.24
CA GLU A 15 1.08 -5.98 -11.70
C GLU A 15 2.56 -5.63 -11.52
N THR A 16 2.99 -4.43 -11.89
CA THR A 16 4.41 -4.01 -11.74
C THR A 16 4.78 -3.96 -10.26
N SER A 17 3.94 -3.38 -9.42
CA SER A 17 4.21 -3.24 -7.99
C SER A 17 4.38 -4.65 -7.38
N LEU A 18 3.52 -5.58 -7.73
CA LEU A 18 3.59 -6.96 -7.24
C LEU A 18 4.81 -7.69 -7.81
N ASP A 19 5.24 -7.41 -9.04
CA ASP A 19 6.45 -8.06 -9.60
C ASP A 19 7.66 -7.60 -8.78
N LEU A 20 7.72 -6.29 -8.48
CA LEU A 20 8.82 -5.76 -7.67
C LEU A 20 8.80 -6.36 -6.25
N LEU A 21 7.65 -6.58 -5.64
CA LEU A 21 7.65 -7.20 -4.29
C LEU A 21 8.14 -8.64 -4.42
N ASN A 22 7.86 -9.27 -5.53
CA ASN A 22 8.27 -10.67 -5.75
C ASN A 22 9.79 -10.72 -5.86
N THR A 23 10.38 -9.78 -6.61
CA THR A 23 11.86 -9.68 -6.71
C THR A 23 12.42 -9.50 -5.28
N MET A 24 11.81 -8.65 -4.50
CA MET A 24 12.23 -8.41 -3.09
C MET A 24 12.16 -9.74 -2.29
N ALA A 25 11.05 -10.44 -2.40
CA ALA A 25 10.79 -11.69 -1.65
C ALA A 25 11.81 -12.76 -1.99
N ASN A 26 12.32 -12.81 -3.21
CA ASN A 26 13.33 -13.83 -3.58
C ASN A 26 14.64 -13.74 -2.76
N ASN A 27 14.92 -12.63 -2.12
CA ASN A 27 16.12 -12.43 -1.30
C ASN A 27 15.99 -13.00 0.14
N SER A 28 14.81 -13.52 0.51
N SER A 28 14.99 -13.85 0.45
CA SER A 28 14.46 -14.15 1.82
CA SER A 28 14.70 -14.32 1.83
C SER A 28 14.14 -15.65 1.63
C SER A 28 14.25 -15.79 1.78
N THR A 40 3.25 -10.36 14.62
CA THR A 40 2.69 -9.50 13.53
C THR A 40 1.43 -8.79 14.07
N VAL A 41 0.81 -7.98 13.20
CA VAL A 41 -0.36 -7.10 13.50
C VAL A 41 -1.53 -7.57 12.61
N ALA A 42 -2.73 -7.75 13.17
CA ALA A 42 -3.86 -8.38 12.44
C ALA A 42 -4.20 -7.54 11.20
N PHE A 43 -4.36 -8.19 10.07
CA PHE A 43 -4.77 -7.51 8.82
C PHE A 43 -6.11 -6.82 9.11
N PRO A 44 -6.27 -5.54 8.72
CA PRO A 44 -7.42 -4.74 9.12
C PRO A 44 -8.65 -5.03 8.26
N ASN A 45 -9.14 -6.26 8.35
CA ASN A 45 -10.28 -6.70 7.51
C ASN A 45 -11.51 -5.82 7.77
N ASP A 46 -11.75 -5.35 8.99
CA ASP A 46 -12.96 -4.54 9.29
C ASP A 46 -12.90 -3.23 8.50
N LEU A 47 -11.72 -2.66 8.33
CA LEU A 47 -11.60 -1.38 7.57
C LEU A 47 -11.84 -1.65 6.10
N TYR A 48 -11.30 -2.75 5.57
CA TYR A 48 -11.52 -3.09 4.15
C TYR A 48 -13.00 -3.43 3.94
N SER A 49 -13.62 -4.11 4.91
CA SER A 49 -15.06 -4.47 4.82
C SER A 49 -15.89 -3.18 4.68
N GLN A 50 -15.62 -2.20 5.54
CA GLN A 50 -16.33 -0.90 5.47
C GLN A 50 -16.07 -0.24 4.09
N ALA A 51 -14.83 -0.18 3.62
CA ALA A 51 -14.48 0.37 2.29
C ALA A 51 -15.27 -0.37 1.19
N SER A 52 -15.40 -1.69 1.29
CA SER A 52 -16.02 -2.55 0.25
C SER A 52 -17.47 -2.11 -0.01
N LYS A 53 -18.17 -1.70 1.04
CA LYS A 53 -19.61 -1.38 0.86
C LYS A 53 -19.79 0.15 0.89
N ALA A 54 -18.70 0.91 0.80
CA ALA A 54 -18.74 2.39 0.81
C ALA A 54 -19.01 2.90 -0.61
N SER A 55 -19.31 4.19 -0.76
CA SER A 55 -19.43 4.87 -2.07
C SER A 55 -18.13 4.69 -2.87
N ALA A 56 -18.19 4.80 -4.19
CA ALA A 56 -16.99 4.79 -5.07
C ALA A 56 -15.96 5.79 -4.55
N GLU A 57 -16.39 7.02 -4.24
CA GLU A 57 -15.47 8.09 -3.82
C GLU A 57 -14.81 7.66 -2.50
N ASP A 58 -15.59 7.04 -1.59
CA ASP A 58 -15.05 6.64 -0.27
C ASP A 58 -14.13 5.44 -0.47
N LYS A 59 -14.42 4.58 -1.44
CA LYS A 59 -13.51 3.42 -1.77
C LYS A 59 -12.18 3.93 -2.33
N LEU A 60 -12.20 4.86 -3.26
CA LEU A 60 -10.97 5.53 -3.77
C LEU A 60 -10.18 6.21 -2.65
N HIS A 61 -10.84 6.95 -1.77
CA HIS A 61 -10.19 7.72 -0.69
C HIS A 61 -9.43 6.73 0.19
N PHE A 62 -10.10 5.64 0.52
CA PHE A 62 -9.50 4.58 1.36
C PHE A 62 -8.24 4.02 0.67
N THR A 63 -8.36 3.70 -0.62
CA THR A 63 -7.34 3.00 -1.40
C THR A 63 -6.14 3.93 -1.53
N VAL A 64 -6.35 5.23 -1.78
CA VAL A 64 -5.22 6.19 -1.85
C VAL A 64 -4.46 6.11 -0.51
N GLN A 65 -5.20 6.10 0.61
CA GLN A 65 -4.54 6.13 1.95
C GLN A 65 -3.71 4.85 2.12
N VAL A 66 -4.27 3.72 1.81
CA VAL A 66 -3.51 2.42 1.89
C VAL A 66 -2.19 2.57 1.15
N LEU A 67 -2.25 3.04 -0.11
CA LEU A 67 -1.03 3.18 -0.94
C LEU A 67 -0.05 4.16 -0.28
N GLU A 68 -0.51 5.31 0.20
CA GLU A 68 0.40 6.33 0.78
C GLU A 68 0.98 5.87 2.11
N GLU A 69 0.19 5.13 2.87
CA GLU A 69 0.68 4.56 4.16
C GLU A 69 1.76 3.52 3.84
N ALA A 70 1.50 2.63 2.91
CA ALA A 70 2.46 1.59 2.50
C ALA A 70 3.75 2.26 2.03
N ALA A 71 3.66 3.28 1.17
CA ALA A 71 4.88 3.95 0.70
C ALA A 71 5.64 4.60 1.90
N ALA A 72 4.90 5.15 2.86
CA ALA A 72 5.46 5.89 4.00
C ALA A 72 6.26 4.95 4.90
N LEU A 73 6.01 3.64 4.83
CA LEU A 73 6.83 2.72 5.70
C LEU A 73 8.30 2.78 5.26
N PHE A 74 8.57 3.04 3.99
CA PHE A 74 9.94 3.06 3.43
C PHE A 74 10.68 4.34 3.75
N GLU A 75 10.06 5.23 4.54
CA GLU A 75 10.84 6.32 5.19
C GLU A 75 11.61 5.78 6.40
N GLU A 76 11.18 4.61 6.89
CA GLU A 76 11.88 3.96 8.02
C GLU A 76 13.16 3.30 7.48
N ASP A 77 14.11 3.07 8.38
CA ASP A 77 15.44 2.49 8.02
C ASP A 77 15.23 1.09 7.45
N HIS A 78 15.60 0.89 6.19
CA HIS A 78 15.54 -0.42 5.52
C HIS A 78 16.95 -0.82 5.05
N SER A 79 17.98 -0.25 5.67
CA SER A 79 19.39 -0.56 5.37
C SER A 79 19.69 -2.04 5.62
N ASN A 80 19.03 -2.69 6.60
CA ASN A 80 19.24 -4.12 6.96
C ASN A 80 18.35 -5.07 6.13
N ALA A 81 17.43 -4.56 5.31
CA ALA A 81 16.57 -5.39 4.45
C ALA A 81 17.47 -6.15 3.44
N SER A 82 17.01 -7.33 3.02
CA SER A 82 17.70 -8.25 2.09
C SER A 82 17.64 -7.75 0.64
N TRP A 83 16.95 -6.64 0.39
CA TRP A 83 16.62 -6.10 -0.96
C TRP A 83 17.72 -5.17 -1.41
N GLU A 84 17.77 -4.97 -2.72
CA GLU A 84 18.58 -3.88 -3.31
C GLU A 84 17.81 -2.57 -3.19
N GLU A 85 18.57 -1.50 -2.98
CA GLU A 85 17.94 -0.18 -2.82
C GLU A 85 17.22 0.18 -4.13
N ASN A 86 17.79 -0.15 -5.29
CA ASN A 86 17.20 0.24 -6.59
C ASN A 86 15.80 -0.38 -6.68
N THR A 87 15.62 -1.62 -6.20
CA THR A 87 14.33 -2.30 -6.24
C THR A 87 13.36 -1.53 -5.36
N VAL A 88 13.77 -1.15 -4.16
CA VAL A 88 12.88 -0.36 -3.25
C VAL A 88 12.48 0.98 -3.91
N GLU A 89 13.44 1.64 -4.52
CA GLU A 89 13.21 2.93 -5.21
C GLU A 89 12.11 2.70 -6.25
N ASN A 90 12.23 1.63 -7.04
CA ASN A 90 11.31 1.38 -8.17
C ASN A 90 9.95 1.02 -7.61
N PHE A 91 9.92 0.25 -6.54
CA PHE A 91 8.64 -0.17 -5.95
C PHE A 91 7.89 1.05 -5.39
N VAL A 92 8.56 1.85 -4.59
CA VAL A 92 7.92 3.05 -3.97
C VAL A 92 7.49 4.03 -5.08
N ASN A 93 8.30 4.19 -6.11
CA ASN A 93 7.93 5.08 -7.23
C ASN A 93 6.62 4.58 -7.86
N VAL A 94 6.49 3.29 -8.10
CA VAL A 94 5.26 2.77 -8.76
C VAL A 94 4.06 2.99 -7.81
N VAL A 95 4.21 2.70 -6.51
CA VAL A 95 3.12 2.88 -5.52
C VAL A 95 2.74 4.39 -5.51
N ASN A 96 3.72 5.28 -5.52
CA ASN A 96 3.49 6.74 -5.47
C ASN A 96 2.70 7.15 -6.72
N GLN A 97 3.06 6.60 -7.87
CA GLN A 97 2.35 6.82 -9.17
C GLN A 97 0.90 6.34 -9.08
N GLN A 98 0.71 5.17 -8.51
CA GLN A 98 -0.63 4.55 -8.34
C GLN A 98 -1.49 5.45 -7.44
N ALA A 99 -0.94 5.94 -6.34
CA ALA A 99 -1.67 6.82 -5.40
C ALA A 99 -2.10 8.10 -6.15
N ASP A 100 -1.16 8.73 -6.82
CA ASP A 100 -1.41 10.00 -7.56
C ASP A 100 -2.45 9.68 -8.63
N GLY A 101 -2.33 8.55 -9.31
CA GLY A 101 -3.29 8.15 -10.35
C GLY A 101 -4.71 8.05 -9.82
N LEU A 102 -4.92 7.36 -8.69
CA LEU A 102 -6.28 7.20 -8.13
C LEU A 102 -6.79 8.53 -7.58
N ARG A 103 -5.90 9.39 -7.09
CA ARG A 103 -6.26 10.75 -6.56
C ARG A 103 -6.91 11.53 -7.70
N SER A 104 -6.44 11.31 -8.93
CA SER A 104 -6.91 12.02 -10.16
C SER A 104 -8.35 11.65 -10.50
N CYS A 105 -8.97 10.67 -9.84
CA CYS A 105 -10.35 10.21 -10.17
C CYS A 105 -11.38 11.10 -9.50
N THR A 106 -10.95 11.98 -8.61
CA THR A 106 -11.86 12.94 -7.94
C THR A 106 -11.26 14.33 -8.02
N GLY A 107 -12.09 15.32 -7.68
CA GLY A 107 -11.75 16.75 -7.69
C GLY A 107 -10.62 17.04 -6.74
N SER A 108 -9.84 18.07 -7.06
CA SER A 108 -8.66 18.53 -6.29
C SER A 108 -9.13 19.11 -4.94
N HIS A 109 -10.37 19.58 -4.83
CA HIS A 109 -10.87 20.20 -3.59
C HIS A 109 -11.82 19.26 -2.85
N GLY A 110 -11.59 19.04 -1.57
CA GLY A 110 -12.53 18.26 -0.76
C GLY A 110 -12.20 18.41 0.72
N HIS A 111 -12.94 17.68 1.54
CA HIS A 111 -12.91 17.83 3.01
C HIS A 111 -12.89 16.46 3.70
N LYS A 112 -12.64 15.36 2.98
CA LYS A 112 -12.84 14.01 3.56
C LYS A 112 -11.76 13.79 4.63
N LYS A 113 -12.12 13.07 5.70
CA LYS A 113 -11.22 12.81 6.84
C LYS A 113 -10.25 11.68 6.46
N LYS A 114 -9.00 11.76 6.92
CA LYS A 114 -8.10 10.58 6.90
C LYS A 114 -8.72 9.47 7.76
N ASN A 115 -8.50 8.21 7.38
CA ASN A 115 -9.04 7.11 8.20
C ASN A 115 -8.10 6.95 9.40
N LYS A 116 -8.58 7.29 10.58
CA LYS A 116 -7.74 7.29 11.83
C LYS A 116 -7.31 5.85 12.14
N LYS A 117 -8.22 4.91 12.08
CA LYS A 117 -7.95 3.49 12.44
C LYS A 117 -6.95 2.95 11.44
N LEU A 118 -7.05 3.30 10.17
CA LEU A 118 -6.06 2.79 9.20
C LEU A 118 -4.69 3.38 9.54
N HIS A 119 -4.62 4.66 9.84
CA HIS A 119 -3.35 5.33 10.21
C HIS A 119 -2.78 4.60 11.44
N MET A 120 -3.62 4.30 12.44
CA MET A 120 -3.15 3.71 13.71
C MET A 120 -2.61 2.32 13.40
N TYR A 121 -3.26 1.59 12.50
CA TYR A 121 -2.82 0.25 12.08
C TYR A 121 -1.41 0.37 11.48
N PHE A 122 -1.18 1.32 10.57
CA PHE A 122 0.15 1.41 9.94
C PHE A 122 1.21 1.86 10.95
N LYS A 123 0.84 2.71 11.92
CA LYS A 123 1.72 3.11 13.03
C LYS A 123 2.08 1.88 13.84
N ARG A 124 1.15 0.94 14.00
CA ARG A 124 1.40 -0.29 14.81
C ARG A 124 2.34 -1.23 14.02
N LEU A 125 2.28 -1.28 12.69
CA LEU A 125 3.33 -2.02 11.92
C LEU A 125 4.68 -1.37 12.22
N SER A 126 4.75 -0.03 12.21
CA SER A 126 6.00 0.71 12.49
C SER A 126 6.52 0.31 13.88
N SER A 127 5.68 0.40 14.91
CA SER A 127 6.13 0.30 16.31
C SER A 127 6.30 -1.17 16.69
N HIS A 128 5.36 -2.05 16.38
CA HIS A 128 5.30 -3.41 16.95
C HIS A 128 6.05 -4.40 16.05
N VAL A 129 6.32 -4.07 14.79
CA VAL A 129 7.11 -4.99 13.90
C VAL A 129 8.47 -4.37 13.67
N LEU A 130 8.53 -3.21 13.04
CA LEU A 130 9.86 -2.65 12.67
C LEU A 130 10.62 -2.22 13.93
N LYS A 131 10.07 -1.34 14.77
CA LYS A 131 10.82 -0.78 15.91
C LYS A 131 11.15 -1.89 16.91
N LYS A 132 10.20 -2.76 17.28
CA LYS A 132 10.45 -3.84 18.28
C LYS A 132 11.56 -4.79 17.80
N MET A 133 11.67 -5.01 16.49
CA MET A 133 12.63 -5.96 15.90
C MET A 133 13.87 -5.23 15.34
N SER A 134 14.09 -3.96 15.72
CA SER A 134 15.27 -3.15 15.33
C SER A 134 15.45 -3.17 13.81
N HIS A 135 14.36 -3.12 13.06
CA HIS A 135 14.40 -2.89 11.59
C HIS A 135 15.27 -3.98 10.94
N SER A 136 15.20 -5.21 11.43
CA SER A 136 16.00 -6.35 10.93
C SER A 136 15.48 -6.78 9.56
N ALA A 137 16.27 -7.54 8.85
CA ALA A 137 15.83 -8.15 7.56
C ALA A 137 14.54 -8.95 7.80
N GLU A 138 14.43 -9.69 8.93
CA GLU A 138 13.23 -10.47 9.26
C GLU A 138 12.03 -9.55 9.47
N ALA A 139 12.24 -8.40 10.08
CA ALA A 139 11.15 -7.42 10.33
C ALA A 139 10.68 -6.96 8.96
N TRP A 140 11.61 -6.57 8.08
CA TRP A 140 11.22 -6.06 6.74
C TRP A 140 10.52 -7.14 5.94
N GLU A 141 10.93 -8.41 6.00
CA GLU A 141 10.19 -9.48 5.29
C GLU A 141 8.74 -9.58 5.77
N LEU A 142 8.47 -9.44 7.07
CA LEU A 142 7.10 -9.44 7.62
C LEU A 142 6.33 -8.25 7.00
N ILE A 143 6.94 -7.08 6.93
CA ILE A 143 6.28 -5.87 6.37
C ILE A 143 6.02 -6.13 4.89
N ARG A 144 6.97 -6.74 4.17
CA ARG A 144 6.79 -6.97 2.73
C ARG A 144 5.51 -7.82 2.57
N LYS A 145 5.43 -8.95 3.27
CA LYS A 145 4.23 -9.84 3.20
C LYS A 145 2.91 -9.08 3.43
N GLU A 146 2.87 -8.22 4.42
CA GLU A 146 1.66 -7.44 4.74
C GLU A 146 1.40 -6.43 3.62
N ILE A 147 2.42 -5.75 3.16
CA ILE A 147 2.23 -4.77 2.03
C ILE A 147 1.67 -5.48 0.83
N ARG A 148 2.15 -6.68 0.52
CA ARG A 148 1.67 -7.41 -0.67
C ARG A 148 0.18 -7.65 -0.49
N THR A 149 -0.24 -8.08 0.68
CA THR A 149 -1.67 -8.30 0.97
C THR A 149 -2.48 -7.01 0.77
N HIS A 150 -1.99 -5.91 1.28
CA HIS A 150 -2.66 -4.59 1.03
C HIS A 150 -2.78 -4.36 -0.47
N LEU A 151 -1.73 -4.54 -1.24
CA LEU A 151 -1.82 -4.23 -2.67
C LEU A 151 -2.84 -5.15 -3.35
N MET A 152 -2.90 -6.42 -2.98
CA MET A 152 -3.84 -7.39 -3.57
C MET A 152 -5.24 -6.92 -3.20
N ARG A 153 -5.47 -6.53 -1.98
CA ARG A 153 -6.84 -6.13 -1.47
C ARG A 153 -7.26 -4.76 -2.04
N ALA A 154 -6.29 -3.88 -2.24
CA ALA A 154 -6.49 -2.60 -2.93
C ALA A 154 -6.92 -2.86 -4.37
N ASP A 155 -6.25 -3.79 -5.05
CA ASP A 155 -6.58 -4.09 -6.48
C ASP A 155 -8.03 -4.61 -6.52
N GLN A 156 -8.43 -5.47 -5.57
CA GLN A 156 -9.82 -5.97 -5.43
C GLN A 156 -10.79 -4.78 -5.32
N LEU A 157 -10.48 -3.80 -4.49
CA LEU A 157 -11.39 -2.67 -4.20
C LEU A 157 -11.52 -1.86 -5.51
N VAL A 158 -10.42 -1.59 -6.17
CA VAL A 158 -10.43 -0.76 -7.41
C VAL A 158 -11.15 -1.52 -8.52
N SER A 159 -10.91 -2.81 -8.62
CA SER A 159 -11.49 -3.62 -9.70
C SER A 159 -13.02 -3.61 -9.62
N SER A 160 -13.57 -3.41 -8.43
CA SER A 160 -15.04 -3.37 -8.19
C SER A 160 -15.64 -2.15 -8.91
N LEU A 161 -14.82 -1.14 -9.21
CA LEU A 161 -15.24 0.13 -9.88
C LEU A 161 -14.97 0.13 -11.39
N ARG A 162 -14.48 -0.95 -12.01
CA ARG A 162 -14.17 -0.97 -13.46
C ARG A 162 -15.45 -1.02 -14.30
#